data_2AUG
#
_entry.id   2AUG
#
_cell.length_a   49.118
_cell.length_b   49.118
_cell.length_c   184.087
_cell.angle_alpha   90.00
_cell.angle_beta   90.00
_cell.angle_gamma   120.00
#
_symmetry.space_group_name_H-M   'P 31 2 1'
#
loop_
_entity.id
_entity.type
_entity.pdbx_description
1 polymer 'Growth factor receptor-bound protein 14'
2 water water
#
_entity_poly.entity_id   1
_entity_poly.type   'polypeptide(L)'
_entity_poly.pdbx_seq_one_letter_code
;MGSSHHHHHHSSGLVPRGSHMIHRSQPWFHHKISRDEAQRLIIQQGLVDGVFLVRDSQSNPKTFVLSMSHGQKIKHFQII
PVEDDGEMFHTLDDGHTRFTDLIQLVEFYQLNKGVLPCKLKHYCAR
;
_entity_poly.pdbx_strand_id   A,B
#
# COMPACT_ATOMS: atom_id res chain seq x y z
N ILE A 22 0.21 -12.57 -18.54
CA ILE A 22 0.69 -13.97 -18.29
C ILE A 22 0.16 -14.54 -16.98
N HIS A 23 -0.06 -13.67 -16.01
CA HIS A 23 -0.59 -14.07 -14.71
C HIS A 23 -2.07 -14.43 -14.83
N ARG A 24 -2.70 -13.99 -15.92
CA ARG A 24 -4.12 -14.25 -16.14
C ARG A 24 -4.49 -15.73 -16.07
N SER A 25 -3.52 -16.60 -16.31
CA SER A 25 -3.77 -18.04 -16.27
C SER A 25 -3.64 -18.64 -14.89
N GLN A 26 -2.97 -17.94 -13.99
CA GLN A 26 -2.75 -18.46 -12.64
C GLN A 26 -4.04 -18.60 -11.82
N PRO A 27 -4.16 -19.69 -11.05
CA PRO A 27 -5.34 -19.97 -10.24
C PRO A 27 -5.61 -18.96 -9.11
N TRP A 28 -4.59 -18.18 -8.73
CA TRP A 28 -4.76 -17.20 -7.67
C TRP A 28 -5.15 -15.80 -8.16
N PHE A 29 -5.26 -15.65 -9.47
CA PHE A 29 -5.62 -14.36 -10.03
C PHE A 29 -7.11 -14.31 -10.37
N HIS A 30 -7.80 -13.31 -9.84
CA HIS A 30 -9.24 -13.16 -10.09
C HIS A 30 -9.52 -11.91 -10.91
N HIS A 31 -9.66 -12.11 -12.21
CA HIS A 31 -9.92 -11.03 -13.15
C HIS A 31 -11.04 -10.06 -12.81
N LYS A 32 -10.65 -8.85 -12.42
CA LYS A 32 -11.57 -7.76 -12.13
C LYS A 32 -12.71 -7.88 -11.10
N ILE A 33 -12.60 -8.75 -10.11
CA ILE A 33 -13.67 -8.81 -9.12
C ILE A 33 -13.53 -7.57 -8.22
N SER A 34 -14.63 -7.13 -7.63
CA SER A 34 -14.60 -5.95 -6.76
C SER A 34 -13.89 -6.24 -5.45
N ARG A 35 -13.59 -5.17 -4.70
CA ARG A 35 -12.94 -5.32 -3.41
C ARG A 35 -13.88 -6.07 -2.48
N ASP A 36 -15.15 -5.67 -2.46
CA ASP A 36 -16.14 -6.33 -1.61
C ASP A 36 -16.21 -7.83 -1.91
N GLU A 37 -16.23 -8.17 -3.19
CA GLU A 37 -16.29 -9.56 -3.63
C GLU A 37 -15.04 -10.30 -3.13
N ALA A 38 -13.89 -9.66 -3.25
CA ALA A 38 -12.64 -10.26 -2.81
C ALA A 38 -12.69 -10.50 -1.29
N GLN A 39 -13.25 -9.53 -0.57
CA GLN A 39 -13.35 -9.67 0.88
C GLN A 39 -14.35 -10.76 1.24
N ARG A 40 -15.46 -10.85 0.51
CA ARG A 40 -16.46 -11.88 0.75
C ARG A 40 -15.80 -13.25 0.67
N LEU A 41 -15.07 -13.47 -0.43
CA LEU A 41 -14.38 -14.74 -0.65
C LEU A 41 -13.40 -15.08 0.47
N ILE A 42 -12.56 -14.12 0.83
CA ILE A 42 -11.57 -14.34 1.88
C ILE A 42 -12.26 -14.60 3.21
N ILE A 43 -13.26 -13.79 3.51
CA ILE A 43 -14.00 -13.95 4.76
C ILE A 43 -14.67 -15.32 4.84
N GLN A 44 -15.24 -15.78 3.73
CA GLN A 44 -15.91 -17.07 3.73
C GLN A 44 -14.96 -18.26 3.88
N GLN A 45 -13.66 -17.98 3.93
CA GLN A 45 -12.69 -19.06 4.14
C GLN A 45 -12.39 -19.16 5.64
N GLY A 46 -13.03 -18.32 6.43
CA GLY A 46 -12.83 -18.35 7.87
C GLY A 46 -11.71 -17.48 8.40
N LEU A 47 -11.27 -16.50 7.62
CA LEU A 47 -10.21 -15.60 8.03
C LEU A 47 -8.97 -16.33 8.57
N VAL A 48 -8.50 -17.30 7.81
CA VAL A 48 -7.31 -18.06 8.18
C VAL A 48 -6.12 -17.27 7.64
N ASP A 49 -5.07 -17.14 8.45
CA ASP A 49 -3.88 -16.40 8.00
C ASP A 49 -3.33 -16.97 6.70
N GLY A 50 -2.94 -16.11 5.77
CA GLY A 50 -2.38 -16.59 4.53
C GLY A 50 -3.35 -16.80 3.38
N VAL A 51 -4.65 -16.75 3.63
CA VAL A 51 -5.60 -16.92 2.53
C VAL A 51 -5.47 -15.65 1.71
N PHE A 52 -5.46 -15.78 0.39
CA PHE A 52 -5.27 -14.60 -0.45
C PHE A 52 -5.72 -14.77 -1.90
N LEU A 53 -5.55 -13.69 -2.64
CA LEU A 53 -5.87 -13.63 -4.06
C LEU A 53 -5.32 -12.32 -4.60
N VAL A 54 -5.09 -12.29 -5.91
CA VAL A 54 -4.60 -11.10 -6.57
C VAL A 54 -5.68 -10.71 -7.58
N ARG A 55 -5.87 -9.42 -7.78
CA ARG A 55 -6.88 -8.93 -8.70
C ARG A 55 -6.42 -7.65 -9.38
N ASP A 56 -7.13 -7.26 -10.43
CA ASP A 56 -6.82 -6.04 -11.15
C ASP A 56 -7.24 -4.84 -10.30
N SER A 57 -6.54 -3.74 -10.44
CA SER A 57 -6.85 -2.51 -9.71
C SER A 57 -8.21 -1.98 -10.16
N GLN A 58 -8.94 -1.35 -9.23
CA GLN A 58 -10.22 -0.77 -9.59
C GLN A 58 -9.98 0.67 -10.08
N SER A 59 -8.79 1.19 -9.79
CA SER A 59 -8.44 2.55 -10.19
C SER A 59 -7.48 2.53 -11.38
N ASN A 60 -7.44 3.64 -12.13
CA ASN A 60 -6.57 3.76 -13.32
C ASN A 60 -5.49 4.80 -13.06
N PRO A 61 -4.28 4.60 -13.64
CA PRO A 61 -3.84 3.49 -14.50
C PRO A 61 -3.90 2.12 -13.84
N LYS A 62 -3.93 1.08 -14.67
CA LYS A 62 -3.98 -0.29 -14.19
C LYS A 62 -2.73 -0.74 -13.44
N THR A 63 -2.94 -1.11 -12.18
CA THR A 63 -1.90 -1.62 -11.30
C THR A 63 -2.60 -2.89 -10.82
N PHE A 64 -2.15 -3.48 -9.71
CA PHE A 64 -2.78 -4.68 -9.20
C PHE A 64 -2.90 -4.65 -7.69
N VAL A 65 -3.76 -5.51 -7.16
CA VAL A 65 -3.96 -5.57 -5.71
C VAL A 65 -3.89 -6.97 -5.13
N LEU A 66 -3.15 -7.09 -4.03
CA LEU A 66 -3.04 -8.36 -3.31
C LEU A 66 -3.98 -8.23 -2.12
N SER A 67 -4.93 -9.14 -2.02
CA SER A 67 -5.89 -9.16 -0.91
C SER A 67 -5.62 -10.43 -0.13
N MET A 68 -5.42 -10.31 1.18
CA MET A 68 -5.12 -11.47 2.01
C MET A 68 -5.67 -11.27 3.42
N SER A 69 -5.82 -12.35 4.17
CA SER A 69 -6.31 -12.23 5.54
C SER A 69 -5.21 -12.59 6.52
N HIS A 70 -5.18 -11.89 7.64
CA HIS A 70 -4.21 -12.13 8.70
C HIS A 70 -4.65 -11.43 9.98
N GLY A 71 -4.59 -12.16 11.09
CA GLY A 71 -5.00 -11.58 12.35
C GLY A 71 -6.50 -11.29 12.36
N GLN A 72 -7.26 -12.10 11.63
CA GLN A 72 -8.71 -11.95 11.56
C GLN A 72 -9.13 -10.66 10.85
N LYS A 73 -8.26 -10.15 9.98
CA LYS A 73 -8.56 -8.94 9.24
C LYS A 73 -8.09 -9.09 7.80
N ILE A 74 -8.67 -8.29 6.91
CA ILE A 74 -8.30 -8.33 5.51
C ILE A 74 -7.40 -7.15 5.18
N LYS A 75 -6.29 -7.44 4.51
CA LYS A 75 -5.33 -6.42 4.12
C LYS A 75 -5.17 -6.37 2.61
N HIS A 76 -5.09 -5.17 2.06
CA HIS A 76 -4.92 -5.00 0.62
C HIS A 76 -3.62 -4.26 0.36
N PHE A 77 -2.81 -4.81 -0.52
CA PHE A 77 -1.53 -4.24 -0.85
C PHE A 77 -1.49 -3.94 -2.34
N GLN A 78 -1.25 -2.68 -2.68
CA GLN A 78 -1.20 -2.27 -4.06
C GLN A 78 0.11 -2.77 -4.68
N ILE A 79 0.01 -3.34 -5.88
CA ILE A 79 1.22 -3.81 -6.56
C ILE A 79 1.45 -2.79 -7.67
N ILE A 80 2.50 -1.99 -7.52
CA ILE A 80 2.76 -0.95 -8.48
C ILE A 80 3.99 -1.19 -9.36
N PRO A 81 4.05 -0.47 -10.49
CA PRO A 81 5.16 -0.57 -11.44
C PRO A 81 6.19 0.50 -11.11
N VAL A 82 7.47 0.14 -11.11
CA VAL A 82 8.52 1.11 -10.85
C VAL A 82 9.57 0.96 -11.94
N GLU A 83 10.18 2.07 -12.33
CA GLU A 83 11.19 2.03 -13.39
C GLU A 83 12.62 2.13 -12.88
N ASP A 84 13.53 1.59 -13.68
CA ASP A 84 14.95 1.63 -13.36
C ASP A 84 15.74 1.19 -14.58
N ASP A 85 16.53 2.11 -15.11
CA ASP A 85 17.37 1.88 -16.28
C ASP A 85 16.57 1.35 -17.47
N GLY A 86 15.51 2.06 -17.84
CA GLY A 86 14.71 1.67 -18.97
C GLY A 86 13.84 0.43 -18.80
N GLU A 87 13.82 -0.14 -17.60
CA GLU A 87 13.01 -1.32 -17.35
C GLU A 87 11.96 -1.07 -16.28
N MET A 88 10.83 -1.75 -16.40
CA MET A 88 9.72 -1.63 -15.44
C MET A 88 9.60 -2.90 -14.61
N PHE A 89 9.39 -2.74 -13.32
CA PHE A 89 9.23 -3.89 -12.43
C PHE A 89 7.96 -3.70 -11.60
N HIS A 90 7.56 -4.76 -10.91
CA HIS A 90 6.39 -4.71 -10.05
C HIS A 90 6.88 -4.87 -8.63
N THR A 91 6.24 -4.12 -7.72
CA THR A 91 6.62 -4.16 -6.31
C THR A 91 5.44 -3.77 -5.42
N LEU A 92 5.52 -4.14 -4.15
CA LEU A 92 4.49 -3.77 -3.20
C LEU A 92 5.14 -3.15 -1.98
N ASP A 93 6.47 -3.00 -2.02
CA ASP A 93 7.20 -2.36 -0.93
C ASP A 93 8.05 -1.17 -1.38
N ASP A 94 7.51 -0.39 -2.31
CA ASP A 94 8.17 0.81 -2.83
C ASP A 94 9.50 0.51 -3.53
N GLY A 95 9.57 -0.62 -4.24
CA GLY A 95 10.77 -0.97 -4.97
C GLY A 95 11.92 -1.63 -4.23
N HIS A 96 11.77 -1.89 -2.94
CA HIS A 96 12.82 -2.54 -2.18
C HIS A 96 13.00 -3.99 -2.62
N THR A 97 11.91 -4.60 -3.09
CA THR A 97 11.95 -5.96 -3.59
C THR A 97 11.21 -5.84 -4.92
N ARG A 98 11.92 -6.15 -6.00
CA ARG A 98 11.33 -6.03 -7.34
C ARG A 98 11.11 -7.37 -8.04
N PHE A 99 10.17 -7.37 -8.98
CA PHE A 99 9.82 -8.56 -9.73
C PHE A 99 9.50 -8.18 -11.18
N THR A 100 9.70 -9.12 -12.10
CA THR A 100 9.43 -8.85 -13.52
C THR A 100 7.94 -8.94 -13.84
N ASP A 101 7.23 -9.84 -13.16
CA ASP A 101 5.80 -10.01 -13.40
C ASP A 101 5.12 -10.46 -12.13
N LEU A 102 3.80 -10.62 -12.17
CA LEU A 102 3.07 -11.03 -10.98
C LEU A 102 3.33 -12.46 -10.52
N ILE A 103 3.64 -13.34 -11.46
CA ILE A 103 3.90 -14.73 -11.10
C ILE A 103 5.12 -14.81 -10.19
N GLN A 104 6.22 -14.17 -10.61
CA GLN A 104 7.43 -14.17 -9.80
C GLN A 104 7.17 -13.56 -8.41
N LEU A 105 6.39 -12.48 -8.37
CA LEU A 105 6.09 -11.82 -7.12
C LEU A 105 5.28 -12.71 -6.18
N VAL A 106 4.25 -13.37 -6.70
CA VAL A 106 3.43 -14.24 -5.88
C VAL A 106 4.20 -15.44 -5.36
N GLU A 107 4.90 -16.13 -6.24
CA GLU A 107 5.65 -17.31 -5.83
C GLU A 107 6.73 -16.95 -4.82
N PHE A 108 7.20 -15.72 -4.85
CA PHE A 108 8.20 -15.30 -3.88
C PHE A 108 7.52 -15.13 -2.53
N TYR A 109 6.39 -14.43 -2.53
CA TYR A 109 5.67 -14.18 -1.30
C TYR A 109 5.00 -15.41 -0.70
N GLN A 110 4.89 -16.47 -1.48
CA GLN A 110 4.31 -17.71 -0.95
C GLN A 110 5.35 -18.38 -0.04
N LEU A 111 6.63 -18.05 -0.24
CA LEU A 111 7.69 -18.65 0.56
C LEU A 111 8.40 -17.70 1.52
N ASN A 112 8.27 -16.40 1.29
CA ASN A 112 8.92 -15.38 2.12
C ASN A 112 7.91 -14.27 2.37
N LYS A 113 7.71 -13.88 3.63
CA LYS A 113 6.71 -12.84 3.88
C LYS A 113 7.17 -11.42 3.56
N GLY A 114 8.48 -11.15 3.62
CA GLY A 114 8.96 -9.82 3.33
C GLY A 114 8.24 -8.82 4.22
N VAL A 115 7.64 -7.78 3.64
CA VAL A 115 6.93 -6.78 4.43
C VAL A 115 5.49 -7.19 4.77
N LEU A 116 5.05 -8.30 4.21
CA LEU A 116 3.69 -8.78 4.48
C LEU A 116 3.57 -9.33 5.90
N PRO A 117 2.37 -9.30 6.47
CA PRO A 117 2.17 -9.80 7.83
C PRO A 117 2.45 -11.31 7.95
N CYS A 118 2.38 -12.02 6.84
CA CYS A 118 2.64 -13.46 6.82
C CYS A 118 2.67 -13.89 5.36
N LYS A 119 3.10 -15.14 5.12
CA LYS A 119 3.18 -15.67 3.77
C LYS A 119 1.84 -15.91 3.06
N LEU A 120 1.90 -16.02 1.75
CA LEU A 120 0.71 -16.29 0.94
C LEU A 120 0.55 -17.81 0.96
N LYS A 121 -0.31 -18.30 1.84
CA LYS A 121 -0.49 -19.74 2.02
C LYS A 121 -1.60 -20.46 1.24
N HIS A 122 -2.79 -19.87 1.18
CA HIS A 122 -3.90 -20.52 0.50
C HIS A 122 -4.69 -19.58 -0.40
N TYR A 123 -4.48 -19.69 -1.70
CA TYR A 123 -5.22 -18.83 -2.63
C TYR A 123 -6.67 -19.26 -2.81
N CYS A 124 -7.56 -18.29 -2.96
CA CYS A 124 -8.97 -18.56 -3.15
C CYS A 124 -9.18 -19.10 -4.56
N ALA A 125 -10.05 -20.09 -4.68
CA ALA A 125 -10.33 -20.71 -5.97
C ALA A 125 -11.12 -19.78 -6.90
N ARG A 126 -10.69 -19.71 -8.15
CA ARG A 126 -11.31 -18.86 -9.16
C ARG A 126 -12.72 -19.30 -9.53
N SER B 19 -1.26 25.03 -4.38
CA SER B 19 -0.01 25.66 -4.91
C SER B 19 1.12 24.65 -5.00
N HIS B 20 2.09 24.92 -5.86
CA HIS B 20 3.22 24.02 -6.10
C HIS B 20 3.98 23.53 -4.86
N MET B 21 4.02 22.20 -4.69
CA MET B 21 4.73 21.59 -3.57
C MET B 21 4.25 22.08 -2.22
N ILE B 22 3.02 22.54 -2.14
CA ILE B 22 2.49 23.06 -0.88
C ILE B 22 2.62 22.07 0.28
N HIS B 23 2.58 20.77 -0.01
CA HIS B 23 2.73 19.77 1.06
C HIS B 23 4.08 19.88 1.76
N ARG B 24 5.07 20.42 1.06
CA ARG B 24 6.41 20.58 1.60
C ARG B 24 6.53 21.43 2.86
N SER B 25 5.56 22.31 3.09
CA SER B 25 5.59 23.17 4.27
C SER B 25 4.87 22.60 5.49
N GLN B 26 4.40 21.36 5.38
CA GLN B 26 3.70 20.71 6.49
C GLN B 26 4.71 19.96 7.36
N PRO B 27 4.57 20.07 8.69
CA PRO B 27 5.47 19.42 9.65
C PRO B 27 5.56 17.89 9.52
N TRP B 28 4.49 17.27 9.03
CA TRP B 28 4.49 15.81 8.87
C TRP B 28 5.15 15.36 7.58
N PHE B 29 5.50 16.28 6.70
CA PHE B 29 6.15 15.88 5.45
C PHE B 29 7.67 15.92 5.55
N HIS B 30 8.30 14.81 5.16
CA HIS B 30 9.76 14.72 5.20
C HIS B 30 10.25 14.51 3.77
N HIS B 31 10.79 15.58 3.21
CA HIS B 31 11.28 15.58 1.83
C HIS B 31 12.51 14.71 1.57
N LYS B 32 12.33 13.75 0.67
CA LYS B 32 13.36 12.82 0.25
C LYS B 32 14.14 12.05 1.30
N ILE B 33 13.45 11.46 2.28
CA ILE B 33 14.16 10.66 3.27
C ILE B 33 13.91 9.21 2.87
N SER B 34 14.77 8.31 3.33
CA SER B 34 14.63 6.90 2.99
C SER B 34 13.70 6.17 3.95
N ARG B 35 13.41 4.91 3.63
CA ARG B 35 12.56 4.08 4.48
C ARG B 35 13.25 3.87 5.82
N ASP B 36 14.56 3.62 5.79
CA ASP B 36 15.31 3.39 7.02
C ASP B 36 15.20 4.63 7.91
N GLU B 37 15.38 5.79 7.30
CA GLU B 37 15.30 7.06 8.02
C GLU B 37 13.92 7.26 8.63
N ALA B 38 12.88 6.97 7.85
CA ALA B 38 11.51 7.12 8.32
C ALA B 38 11.28 6.25 9.54
N GLN B 39 11.76 5.01 9.46
CA GLN B 39 11.59 4.09 10.57
C GLN B 39 12.37 4.58 11.79
N ARG B 40 13.58 5.08 11.57
CA ARG B 40 14.39 5.59 12.66
C ARG B 40 13.64 6.74 13.36
N LEU B 41 13.06 7.64 12.57
CA LEU B 41 12.33 8.76 13.11
C LEU B 41 11.10 8.35 13.91
N ILE B 42 10.32 7.42 13.37
CA ILE B 42 9.13 6.95 14.07
C ILE B 42 9.55 6.27 15.38
N ILE B 43 10.66 5.54 15.33
CA ILE B 43 11.16 4.85 16.52
C ILE B 43 11.62 5.85 17.58
N GLN B 44 12.24 6.95 17.15
CA GLN B 44 12.70 7.97 18.10
C GLN B 44 11.52 8.62 18.79
N GLN B 45 10.41 8.77 18.06
CA GLN B 45 9.20 9.37 18.61
C GLN B 45 8.53 8.40 19.55
N GLY B 46 8.78 7.12 19.33
CA GLY B 46 8.17 6.10 20.16
C GLY B 46 7.16 5.37 19.30
N LEU B 47 6.98 4.08 19.56
CA LEU B 47 6.05 3.30 18.78
C LEU B 47 4.61 3.42 19.28
N VAL B 48 4.12 4.66 19.32
CA VAL B 48 2.75 4.94 19.75
C VAL B 48 1.80 4.90 18.54
N ASP B 49 0.64 4.28 18.71
CA ASP B 49 -0.31 4.18 17.60
C ASP B 49 -0.66 5.57 17.10
N GLY B 50 -0.61 5.75 15.78
CA GLY B 50 -0.95 7.04 15.22
C GLY B 50 0.24 7.91 14.82
N VAL B 51 1.42 7.61 15.34
CA VAL B 51 2.61 8.39 14.98
C VAL B 51 2.84 8.16 13.50
N PHE B 52 3.09 9.22 12.75
CA PHE B 52 3.28 9.08 11.31
C PHE B 52 4.08 10.21 10.68
N LEU B 53 4.31 10.05 9.39
CA LEU B 53 5.01 11.02 8.54
C LEU B 53 4.73 10.59 7.11
N VAL B 54 4.88 11.51 6.17
CA VAL B 54 4.68 11.23 4.75
C VAL B 54 5.99 11.59 4.08
N ARG B 55 6.40 10.77 3.11
CA ARG B 55 7.65 11.00 2.41
C ARG B 55 7.55 10.69 0.92
N ASP B 56 8.48 11.24 0.15
CA ASP B 56 8.54 10.98 -1.29
C ASP B 56 8.89 9.50 -1.41
N SER B 57 8.43 8.85 -2.47
CA SER B 57 8.75 7.45 -2.66
C SER B 57 10.23 7.33 -3.04
N GLN B 58 10.83 6.20 -2.71
CA GLN B 58 12.23 5.99 -3.06
C GLN B 58 12.28 5.49 -4.50
N SER B 59 11.14 5.01 -4.99
CA SER B 59 11.07 4.49 -6.35
C SER B 59 10.50 5.49 -7.33
N ASN B 60 10.83 5.30 -8.60
CA ASN B 60 10.34 6.14 -9.67
C ASN B 60 9.37 5.30 -10.50
N PRO B 61 8.34 5.91 -11.08
CA PRO B 61 8.02 7.34 -11.03
C PRO B 61 7.74 7.78 -9.60
N LYS B 62 7.89 9.08 -9.35
CA LYS B 62 7.66 9.62 -8.02
C LYS B 62 6.21 9.55 -7.54
N THR B 63 6.03 8.94 -6.37
CA THR B 63 4.74 8.83 -5.72
C THR B 63 5.06 9.15 -4.27
N PHE B 64 4.16 8.83 -3.35
CA PHE B 64 4.40 9.12 -1.94
C PHE B 64 4.16 7.90 -1.08
N VAL B 65 4.63 7.95 0.15
CA VAL B 65 4.44 6.84 1.08
C VAL B 65 4.06 7.37 2.46
N LEU B 66 3.12 6.69 3.10
CA LEU B 66 2.67 7.06 4.43
C LEU B 66 3.27 6.04 5.38
N SER B 67 4.09 6.50 6.33
CA SER B 67 4.71 5.61 7.29
C SER B 67 4.15 5.91 8.66
N MET B 68 3.65 4.88 9.34
CA MET B 68 3.06 5.07 10.66
C MET B 68 3.28 3.85 11.53
N SER B 69 3.15 4.03 12.84
CA SER B 69 3.30 2.92 13.75
C SER B 69 1.96 2.56 14.37
N HIS B 70 1.75 1.27 14.53
CA HIS B 70 0.55 0.74 15.13
C HIS B 70 0.90 -0.64 15.65
N GLY B 71 0.39 -0.98 16.83
CA GLY B 71 0.70 -2.28 17.40
C GLY B 71 2.19 -2.53 17.55
N GLN B 72 2.93 -1.47 17.86
CA GLN B 72 4.37 -1.58 18.05
C GLN B 72 5.09 -1.93 16.74
N LYS B 73 4.43 -1.68 15.61
CA LYS B 73 5.02 -1.97 14.31
C LYS B 73 4.89 -0.79 13.36
N ILE B 74 5.83 -0.69 12.42
CA ILE B 74 5.80 0.39 11.46
C ILE B 74 5.21 -0.11 10.15
N LYS B 75 4.15 0.55 9.70
CA LYS B 75 3.47 0.17 8.47
C LYS B 75 3.67 1.24 7.41
N HIS B 76 3.83 0.80 6.17
CA HIS B 76 4.01 1.73 5.05
C HIS B 76 2.86 1.53 4.07
N PHE B 77 2.29 2.64 3.62
CA PHE B 77 1.18 2.62 2.68
C PHE B 77 1.53 3.52 1.52
N GLN B 78 1.58 2.96 0.32
CA GLN B 78 1.91 3.74 -0.88
C GLN B 78 0.77 4.68 -1.21
N ILE B 79 1.09 5.93 -1.55
CA ILE B 79 0.09 6.91 -1.94
C ILE B 79 0.34 7.10 -3.43
N ILE B 80 -0.60 6.64 -4.24
CA ILE B 80 -0.45 6.72 -5.69
C ILE B 80 -1.44 7.64 -6.40
N PRO B 81 -1.08 8.10 -7.60
CA PRO B 81 -1.94 8.98 -8.40
C PRO B 81 -2.88 8.14 -9.27
N VAL B 82 -4.14 8.57 -9.35
CA VAL B 82 -5.12 7.85 -10.16
C VAL B 82 -5.76 8.87 -11.07
N GLU B 83 -5.93 8.48 -12.33
CA GLU B 83 -6.49 9.35 -13.35
C GLU B 83 -7.96 9.09 -13.58
N ASP B 84 -8.74 10.16 -13.62
CA ASP B 84 -10.17 10.09 -13.83
C ASP B 84 -10.63 11.32 -14.59
N ASP B 85 -11.17 11.11 -15.79
CA ASP B 85 -11.66 12.20 -16.63
C ASP B 85 -10.62 13.32 -16.81
N GLY B 86 -9.38 12.95 -17.05
CA GLY B 86 -8.34 13.94 -17.24
C GLY B 86 -7.86 14.64 -15.98
N GLU B 87 -8.39 14.25 -14.83
CA GLU B 87 -7.97 14.84 -13.55
C GLU B 87 -7.20 13.82 -12.73
N MET B 88 -6.18 14.27 -12.00
CA MET B 88 -5.38 13.36 -11.17
C MET B 88 -5.74 13.46 -9.70
N PHE B 89 -5.78 12.30 -9.03
CA PHE B 89 -6.11 12.24 -7.61
C PHE B 89 -5.13 11.32 -6.89
N HIS B 90 -5.02 11.50 -5.58
CA HIS B 90 -4.15 10.67 -4.75
C HIS B 90 -4.99 9.68 -3.95
N THR B 91 -4.44 8.49 -3.73
CA THR B 91 -5.13 7.46 -2.97
C THR B 91 -4.18 6.41 -2.41
N LEU B 92 -4.58 5.77 -1.31
CA LEU B 92 -3.78 4.72 -0.70
C LEU B 92 -4.61 3.45 -0.54
N ASP B 93 -5.89 3.53 -0.93
CA ASP B 93 -6.78 2.37 -0.86
C ASP B 93 -7.35 2.01 -2.22
N ASP B 94 -6.50 2.10 -3.25
CA ASP B 94 -6.88 1.77 -4.62
C ASP B 94 -8.00 2.60 -5.23
N GLY B 95 -8.09 3.87 -4.85
CA GLY B 95 -9.10 4.73 -5.42
C GLY B 95 -10.49 4.71 -4.79
N HIS B 96 -10.66 3.91 -3.75
CA HIS B 96 -11.95 3.88 -3.09
C HIS B 96 -12.16 5.20 -2.38
N THR B 97 -11.05 5.82 -2.00
CA THR B 97 -11.07 7.12 -1.33
C THR B 97 -9.99 7.95 -2.01
N ARG B 98 -10.41 8.96 -2.78
CA ARG B 98 -9.49 9.83 -3.52
C ARG B 98 -9.44 11.25 -2.97
N PHE B 99 -8.31 11.93 -3.21
CA PHE B 99 -8.09 13.28 -2.75
C PHE B 99 -7.38 14.11 -3.82
N THR B 100 -7.68 15.41 -3.86
CA THR B 100 -7.07 16.31 -4.84
C THR B 100 -5.59 16.54 -4.54
N ASP B 101 -5.22 16.52 -3.27
CA ASP B 101 -3.82 16.73 -2.90
C ASP B 101 -3.44 16.02 -1.61
N LEU B 102 -2.15 15.99 -1.31
CA LEU B 102 -1.63 15.34 -0.11
C LEU B 102 -2.24 15.83 1.19
N ILE B 103 -2.31 17.16 1.35
CA ILE B 103 -2.85 17.74 2.57
C ILE B 103 -4.27 17.24 2.83
N GLN B 104 -5.08 17.17 1.79
CA GLN B 104 -6.45 16.71 1.93
C GLN B 104 -6.44 15.26 2.44
N LEU B 105 -5.58 14.44 1.88
CA LEU B 105 -5.47 13.04 2.29
C LEU B 105 -5.10 12.89 3.76
N VAL B 106 -4.06 13.60 4.20
CA VAL B 106 -3.64 13.52 5.59
C VAL B 106 -4.70 14.03 6.57
N GLU B 107 -5.31 15.17 6.27
CA GLU B 107 -6.33 15.72 7.16
C GLU B 107 -7.50 14.74 7.29
N PHE B 108 -7.77 14.01 6.22
CA PHE B 108 -8.85 13.03 6.20
C PHE B 108 -8.55 11.89 7.17
N TYR B 109 -7.36 11.32 7.05
CA TYR B 109 -6.97 10.21 7.90
C TYR B 109 -6.67 10.57 9.35
N GLN B 110 -6.59 11.86 9.64
CA GLN B 110 -6.36 12.28 11.02
C GLN B 110 -7.74 12.25 11.68
N LEU B 111 -8.77 12.35 10.86
CA LEU B 111 -10.15 12.35 11.35
C LEU B 111 -10.84 11.00 11.16
N ASN B 112 -10.50 10.30 10.08
CA ASN B 112 -11.11 9.03 9.76
C ASN B 112 -10.08 7.93 9.55
N LYS B 113 -10.34 6.77 10.14
CA LYS B 113 -9.45 5.63 10.03
C LYS B 113 -9.41 5.02 8.62
N GLY B 114 -10.57 4.81 8.01
CA GLY B 114 -10.58 4.20 6.69
C GLY B 114 -9.90 2.84 6.74
N VAL B 115 -9.06 2.55 5.76
CA VAL B 115 -8.36 1.25 5.73
C VAL B 115 -7.15 1.21 6.65
N LEU B 116 -6.77 2.35 7.21
CA LEU B 116 -5.60 2.38 8.09
C LEU B 116 -5.84 1.57 9.37
N PRO B 117 -4.76 1.08 10.01
CA PRO B 117 -4.89 0.29 11.24
C PRO B 117 -5.44 1.15 12.38
N CYS B 118 -5.28 2.45 12.24
CA CYS B 118 -5.78 3.44 13.21
C CYS B 118 -5.59 4.81 12.57
N LYS B 119 -6.24 5.82 13.13
CA LYS B 119 -6.14 7.18 12.60
C LYS B 119 -4.77 7.81 12.85
N LEU B 120 -4.38 8.72 11.96
CA LEU B 120 -3.12 9.43 12.08
C LEU B 120 -3.29 10.36 13.27
N LYS B 121 -2.38 10.30 14.23
CA LYS B 121 -2.52 11.12 15.42
C LYS B 121 -1.35 12.04 15.74
N HIS B 122 -0.14 11.50 15.75
CA HIS B 122 1.05 12.29 16.07
C HIS B 122 2.09 12.22 14.95
N TYR B 123 2.51 13.38 14.45
CA TYR B 123 3.50 13.38 13.38
C TYR B 123 4.91 13.57 13.97
N CYS B 124 5.93 13.11 13.26
CA CYS B 124 7.30 13.25 13.71
C CYS B 124 7.79 14.66 13.43
N ALA B 125 8.42 15.27 14.41
CA ALA B 125 8.94 16.62 14.25
C ALA B 125 10.14 16.60 13.32
N ARG B 126 10.19 17.56 12.39
CA ARG B 126 11.29 17.64 11.44
C ARG B 126 12.49 18.40 12.02
#